data_8CT8
#
_entry.id   8CT8
#
_cell.length_a   83.311
_cell.length_b   83.311
_cell.length_c   238.188
_cell.angle_alpha   90.00
_cell.angle_beta   90.00
_cell.angle_gamma   90.00
#
_symmetry.space_group_name_H-M   'P 41 21 2'
#
loop_
_entity.id
_entity.type
_entity.pdbx_description
1 polymer 'Unextended protein'
2 polymer 'PRL-1 phosphatase'
3 non-polymer 'IODIDE ION'
4 water water
#
loop_
_entity_poly.entity_id
_entity_poly.type
_entity_poly.pdbx_seq_one_letter_code
_entity_poly.pdbx_strand_id
1 'polypeptide(L)'
;GPLGSVNIISGALELRKKTVADVMTHINDAFMLSLDALLDFETVSEIMNSGYSRIPVYDGDRKNIVTLLYIKDLAFVDTD
DNTPLKTLCEFYQNPVHFVFEDYTLDIMFNQFKEGTIGHIAFVHRVNNEGDGDPFYETVGLVTLEDVIEELIQAEIVDEL
E
;
A,B
2 'polypeptide(L)'
;MPALIEYKGMKFLITDRPSDITINHYIMELKKNNVNTVVRVCEPSYNTDELETQGITVKDLAFEDGTFPPQQVVDEWFEV
LKDKYQQNPEAAVAVHCVAGLGRAPVLVALALIELGLKYEAAVEMIRDKRRGAINAKQLSFLEKYKPKARLKHLEHHHHH
H
;
C,D
#
loop_
_chem_comp.id
_chem_comp.type
_chem_comp.name
_chem_comp.formula
IOD non-polymer 'IODIDE ION' 'I -1'
#
# COMPACT_ATOMS: atom_id res chain seq x y z
N PRO A 2 -1.54 -22.33 14.24
CA PRO A 2 -1.03 -22.54 15.58
C PRO A 2 -1.90 -23.61 16.25
N LEU A 3 -2.24 -23.41 17.53
CA LEU A 3 -3.10 -24.38 18.19
C LEU A 3 -2.64 -25.81 18.08
N GLY A 4 -1.32 -26.04 18.05
CA GLY A 4 -0.78 -27.37 17.93
C GLY A 4 -0.51 -27.86 16.52
N SER A 5 -0.33 -26.94 15.56
CA SER A 5 -0.12 -27.28 14.16
C SER A 5 -1.19 -28.26 13.66
N VAL A 6 -2.45 -27.81 13.78
CA VAL A 6 -3.57 -28.66 13.39
C VAL A 6 -3.47 -28.96 11.89
N ASN A 7 -4.09 -30.08 11.50
CA ASN A 7 -4.06 -30.48 10.11
C ASN A 7 -4.94 -29.55 9.30
N ILE A 8 -4.33 -28.72 8.45
CA ILE A 8 -5.08 -27.78 7.64
C ILE A 8 -5.98 -28.53 6.67
N ILE A 9 -5.49 -29.65 6.13
CA ILE A 9 -6.29 -30.45 5.20
C ILE A 9 -7.58 -30.91 5.88
N SER A 10 -7.46 -31.46 7.09
CA SER A 10 -8.65 -31.91 7.82
C SER A 10 -9.47 -30.72 8.29
N GLY A 11 -8.81 -29.66 8.75
CA GLY A 11 -9.54 -28.48 9.20
C GLY A 11 -10.29 -27.81 8.06
N ALA A 12 -9.65 -27.67 6.90
CA ALA A 12 -10.31 -27.05 5.76
C ALA A 12 -11.47 -27.89 5.25
N LEU A 13 -11.38 -29.22 5.40
CA LEU A 13 -12.50 -30.07 5.03
C LEU A 13 -13.74 -29.77 5.88
N GLU A 14 -13.54 -29.60 7.19
CA GLU A 14 -14.67 -29.31 8.07
C GLU A 14 -15.24 -27.93 7.84
N LEU A 15 -14.47 -27.00 7.26
CA LEU A 15 -15.00 -25.68 6.95
C LEU A 15 -16.15 -25.74 5.94
N ARG A 16 -16.27 -26.83 5.18
CA ARG A 16 -17.38 -26.97 4.26
C ARG A 16 -18.71 -27.04 4.99
N LYS A 17 -18.73 -27.45 6.26
CA LYS A 17 -19.94 -27.53 7.04
C LYS A 17 -20.41 -26.18 7.57
N LYS A 18 -19.65 -25.11 7.36
CA LYS A 18 -20.04 -23.79 7.80
C LYS A 18 -19.97 -22.83 6.62
N THR A 19 -20.64 -21.68 6.79
CA THR A 19 -20.67 -20.63 5.79
C THR A 19 -20.05 -19.36 6.37
N VAL A 20 -19.94 -18.33 5.53
CA VAL A 20 -19.36 -17.06 6.00
C VAL A 20 -20.26 -16.41 7.04
N ALA A 21 -21.57 -16.65 6.97
CA ALA A 21 -22.48 -16.05 7.95
C ALA A 21 -22.25 -16.60 9.35
N ASP A 22 -21.56 -17.74 9.49
CA ASP A 22 -21.31 -18.31 10.80
C ASP A 22 -20.10 -17.70 11.49
N VAL A 23 -19.21 -17.06 10.74
CA VAL A 23 -17.99 -16.47 11.29
C VAL A 23 -17.86 -15.00 10.96
N MET A 24 -18.79 -14.43 10.20
CA MET A 24 -18.66 -13.03 9.80
C MET A 24 -18.89 -12.11 10.99
N THR A 25 -18.31 -10.92 10.91
CA THR A 25 -18.62 -9.85 11.82
C THR A 25 -19.75 -9.03 11.23
N HIS A 26 -20.88 -8.96 11.93
CA HIS A 26 -22.01 -8.21 11.42
C HIS A 26 -21.65 -6.74 11.28
N ILE A 27 -22.32 -6.06 10.34
CA ILE A 27 -21.94 -4.70 10.00
C ILE A 27 -22.22 -3.75 11.17
N ASN A 28 -23.17 -4.09 12.04
CA ASN A 28 -23.44 -3.24 13.19
C ASN A 28 -22.35 -3.33 14.25
N ASP A 29 -21.58 -4.43 14.26
CA ASP A 29 -20.53 -4.62 15.24
C ASP A 29 -19.14 -4.28 14.71
N ALA A 30 -19.03 -3.92 13.44
CA ALA A 30 -17.73 -3.66 12.82
C ALA A 30 -17.34 -2.21 12.96
N PHE A 31 -16.03 -1.98 13.10
CA PHE A 31 -15.48 -0.63 13.08
C PHE A 31 -15.30 -0.20 11.63
N MET A 32 -15.94 0.90 11.25
CA MET A 32 -15.94 1.35 9.87
C MET A 32 -15.76 2.86 9.84
N LEU A 33 -15.29 3.35 8.69
CA LEU A 33 -15.07 4.77 8.48
C LEU A 33 -16.00 5.30 7.41
N SER A 34 -16.46 6.54 7.59
CA SER A 34 -17.25 7.22 6.59
C SER A 34 -16.34 7.90 5.58
N LEU A 35 -16.75 7.92 4.32
CA LEU A 35 -15.93 8.51 3.27
C LEU A 35 -15.68 10.00 3.49
N ASP A 36 -16.56 10.68 4.23
CA ASP A 36 -16.40 12.10 4.51
C ASP A 36 -15.53 12.38 5.73
N ALA A 37 -14.99 11.35 6.36
CA ALA A 37 -14.18 11.54 7.56
C ALA A 37 -12.87 12.22 7.22
N LEU A 38 -12.37 13.04 8.16
CA LEU A 38 -11.08 13.70 8.02
C LEU A 38 -10.05 12.99 8.90
N LEU A 39 -8.82 12.92 8.40
CA LEU A 39 -7.76 12.17 9.08
C LEU A 39 -6.96 13.09 10.00
N ASP A 40 -7.66 13.65 10.99
CA ASP A 40 -6.99 14.34 12.08
C ASP A 40 -6.46 13.32 13.08
N PHE A 41 -5.84 13.80 14.15
CA PHE A 41 -5.18 12.88 15.08
C PHE A 41 -6.19 12.00 15.81
N GLU A 42 -7.33 12.56 16.20
CA GLU A 42 -8.33 11.76 16.90
C GLU A 42 -8.80 10.60 16.01
N THR A 43 -9.06 10.87 14.74
CA THR A 43 -9.46 9.81 13.82
C THR A 43 -8.34 8.81 13.62
N VAL A 44 -7.11 9.29 13.39
CA VAL A 44 -5.99 8.38 13.23
C VAL A 44 -5.76 7.56 14.48
N SER A 45 -5.95 8.18 15.65
CA SER A 45 -5.76 7.46 16.90
C SER A 45 -6.78 6.35 17.07
N GLU A 46 -8.04 6.63 16.75
CA GLU A 46 -9.08 5.60 16.91
C GLU A 46 -8.94 4.50 15.87
N ILE A 47 -8.33 4.80 14.73
CA ILE A 47 -8.01 3.76 13.76
C ILE A 47 -6.84 2.91 14.27
N MET A 48 -5.82 3.56 14.83
CA MET A 48 -4.65 2.82 15.31
C MET A 48 -5.00 1.95 16.50
N ASN A 49 -6.03 2.32 17.25
CA ASN A 49 -6.44 1.59 18.45
C ASN A 49 -7.58 0.62 18.20
N SER A 50 -8.10 0.55 16.98
CA SER A 50 -9.10 -0.46 16.65
C SER A 50 -8.50 -1.84 16.48
N GLY A 51 -7.17 -1.95 16.36
CA GLY A 51 -6.52 -3.22 16.16
C GLY A 51 -6.63 -3.79 14.77
N TYR A 52 -7.37 -3.14 13.88
CA TYR A 52 -7.56 -3.63 12.52
CA TYR A 52 -7.56 -3.63 12.52
C TYR A 52 -6.56 -2.99 11.57
N SER A 53 -6.11 -3.77 10.59
CA SER A 53 -5.27 -3.25 9.52
C SER A 53 -6.08 -2.91 8.28
N ARG A 54 -7.32 -3.38 8.18
N ARG A 54 -7.31 -3.40 8.17
CA ARG A 54 -8.17 -3.16 7.03
CA ARG A 54 -8.18 -3.17 7.03
C ARG A 54 -9.50 -2.59 7.51
C ARG A 54 -9.48 -2.58 7.55
N ILE A 55 -9.71 -1.31 7.29
CA ILE A 55 -10.89 -0.59 7.77
C ILE A 55 -11.88 -0.45 6.62
N PRO A 56 -13.10 -0.95 6.75
CA PRO A 56 -14.10 -0.69 5.71
C PRO A 56 -14.48 0.79 5.68
N VAL A 57 -14.66 1.30 4.47
CA VAL A 57 -15.07 2.68 4.25
C VAL A 57 -16.44 2.67 3.57
N TYR A 58 -17.41 3.36 4.16
CA TYR A 58 -18.76 3.41 3.63
C TYR A 58 -19.08 4.84 3.17
N ASP A 59 -20.18 4.93 2.42
CA ASP A 59 -20.63 6.20 1.84
C ASP A 59 -22.12 6.34 2.15
N GLY A 60 -22.48 7.31 2.99
CA GLY A 60 -23.86 7.50 3.38
C GLY A 60 -24.29 6.50 4.44
N ASP A 61 -24.71 5.32 4.00
CA ASP A 61 -25.12 4.26 4.91
C ASP A 61 -23.94 3.33 5.19
N ARG A 62 -23.96 2.73 6.38
CA ARG A 62 -22.92 1.77 6.73
C ARG A 62 -22.93 0.57 5.80
N LYS A 63 -24.09 0.26 5.22
CA LYS A 63 -24.21 -0.86 4.31
C LYS A 63 -23.65 -0.55 2.93
N ASN A 64 -23.45 0.72 2.60
CA ASN A 64 -22.89 1.12 1.30
C ASN A 64 -21.37 1.22 1.41
N ILE A 65 -20.74 0.06 1.53
CA ILE A 65 -19.28 -0.01 1.60
C ILE A 65 -18.69 0.24 0.23
N VAL A 66 -17.77 1.19 0.13
CA VAL A 66 -17.24 1.62 -1.15
C VAL A 66 -15.77 1.27 -1.34
N THR A 67 -14.97 1.21 -0.28
CA THR A 67 -13.55 0.90 -0.41
C THR A 67 -13.01 0.49 0.95
N LEU A 68 -11.69 0.40 1.04
CA LEU A 68 -10.99 -0.02 2.25
C LEU A 68 -9.86 0.94 2.56
N LEU A 69 -9.59 1.13 3.85
CA LEU A 69 -8.44 1.88 4.32
C LEU A 69 -7.48 0.93 5.02
N TYR A 70 -6.25 0.87 4.53
CA TYR A 70 -5.20 0.10 5.17
C TYR A 70 -4.37 1.02 6.07
N ILE A 71 -3.84 0.45 7.15
CA ILE A 71 -2.97 1.20 8.04
C ILE A 71 -1.77 1.76 7.27
N LYS A 72 -1.24 0.98 6.32
CA LYS A 72 -0.15 1.45 5.47
C LYS A 72 -0.52 2.74 4.75
N ASP A 73 -1.79 2.90 4.38
CA ASP A 73 -2.22 4.14 3.73
C ASP A 73 -2.13 5.34 4.66
N LEU A 74 -2.11 5.13 5.97
CA LEU A 74 -2.04 6.21 6.94
C LEU A 74 -0.62 6.54 7.37
N ALA A 75 0.38 5.79 6.88
CA ALA A 75 1.75 5.96 7.38
C ALA A 75 2.27 7.37 7.10
N PHE A 76 1.98 7.90 5.92
CA PHE A 76 2.58 9.16 5.47
C PHE A 76 1.55 10.28 5.36
N VAL A 77 0.57 10.30 6.27
CA VAL A 77 -0.37 11.41 6.35
C VAL A 77 0.07 12.32 7.49
N ASP A 78 -0.28 13.60 7.36
CA ASP A 78 0.01 14.60 8.38
C ASP A 78 -1.30 14.91 9.09
N THR A 79 -1.41 14.46 10.34
CA THR A 79 -2.65 14.64 11.09
C THR A 79 -3.02 16.10 11.27
N ASP A 80 -2.05 17.01 11.17
CA ASP A 80 -2.36 18.43 11.21
C ASP A 80 -2.99 18.93 9.92
N ASP A 81 -2.74 18.24 8.79
CA ASP A 81 -3.34 18.65 7.53
C ASP A 81 -4.83 18.38 7.47
N ASN A 82 -5.35 17.51 8.34
CA ASN A 82 -6.74 17.09 8.32
C ASN A 82 -7.12 16.56 6.94
N THR A 83 -6.28 15.65 6.44
CA THR A 83 -6.45 15.13 5.09
C THR A 83 -7.75 14.35 4.99
N PRO A 84 -8.61 14.66 4.02
CA PRO A 84 -9.87 13.90 3.89
C PRO A 84 -9.61 12.46 3.50
N LEU A 85 -10.36 11.54 4.13
CA LEU A 85 -10.24 10.12 3.80
C LEU A 85 -10.53 9.85 2.34
N LYS A 86 -11.47 10.61 1.74
CA LYS A 86 -11.80 10.43 0.34
C LYS A 86 -10.60 10.69 -0.56
N THR A 87 -9.79 11.70 -0.22
CA THR A 87 -8.61 12.00 -1.01
C THR A 87 -7.62 10.83 -0.97
N LEU A 88 -7.49 10.20 0.19
CA LEU A 88 -6.63 9.02 0.29
C LEU A 88 -7.19 7.85 -0.51
N CYS A 89 -8.48 7.55 -0.33
CA CYS A 89 -9.08 6.44 -1.03
C CYS A 89 -9.11 6.66 -2.54
N GLU A 90 -9.30 7.91 -2.99
CA GLU A 90 -9.23 8.20 -4.41
C GLU A 90 -7.83 7.94 -4.97
N PHE A 91 -6.80 8.05 -4.13
CA PHE A 91 -5.43 7.80 -4.58
C PHE A 91 -5.15 6.30 -4.66
N TYR A 92 -5.34 5.59 -3.55
CA TYR A 92 -4.99 4.17 -3.52
C TYR A 92 -6.01 3.30 -4.25
N GLN A 93 -7.28 3.69 -4.21
CA GLN A 93 -8.35 2.97 -4.92
C GLN A 93 -8.38 1.50 -4.50
N ASN A 94 -8.41 1.26 -3.20
CA ASN A 94 -8.42 -0.10 -2.69
C ASN A 94 -9.70 -0.81 -3.09
N PRO A 95 -9.63 -1.91 -3.84
CA PRO A 95 -10.86 -2.58 -4.28
C PRO A 95 -11.57 -3.27 -3.13
N VAL A 96 -12.85 -3.56 -3.35
CA VAL A 96 -13.69 -4.20 -2.36
C VAL A 96 -14.42 -5.36 -3.03
N HIS A 97 -14.47 -6.51 -2.35
CA HIS A 97 -15.03 -7.73 -2.91
C HIS A 97 -16.14 -8.26 -2.01
N PHE A 98 -17.16 -8.82 -2.64
CA PHE A 98 -18.38 -9.24 -1.95
C PHE A 98 -18.66 -10.71 -2.18
N VAL A 99 -19.25 -11.36 -1.16
CA VAL A 99 -19.75 -12.72 -1.25
C VAL A 99 -21.13 -12.76 -0.62
N PHE A 100 -21.83 -13.88 -0.82
CA PHE A 100 -23.14 -14.09 -0.23
C PHE A 100 -23.03 -14.85 1.08
N GLU A 101 -24.10 -14.78 1.88
CA GLU A 101 -24.07 -15.34 3.23
CA GLU A 101 -24.08 -15.34 3.23
C GLU A 101 -23.88 -16.85 3.22
N ASP A 102 -24.40 -17.53 2.20
CA ASP A 102 -24.32 -18.99 2.13
C ASP A 102 -23.01 -19.49 1.53
N TYR A 103 -22.03 -18.61 1.34
CA TYR A 103 -20.73 -19.01 0.82
C TYR A 103 -20.03 -19.89 1.84
N THR A 104 -19.72 -21.13 1.46
CA THR A 104 -19.12 -22.06 2.41
C THR A 104 -17.67 -21.66 2.70
N LEU A 105 -17.26 -21.86 3.96
CA LEU A 105 -15.97 -21.36 4.41
C LEU A 105 -14.80 -22.03 3.69
N ASP A 106 -14.97 -23.26 3.21
CA ASP A 106 -13.88 -23.93 2.52
C ASP A 106 -13.54 -23.23 1.21
N ILE A 107 -14.56 -22.82 0.45
CA ILE A 107 -14.30 -22.09 -0.77
C ILE A 107 -13.77 -20.70 -0.45
N MET A 108 -14.29 -20.08 0.61
CA MET A 108 -13.79 -18.78 1.03
C MET A 108 -12.35 -18.89 1.51
N PHE A 109 -12.01 -19.98 2.21
CA PHE A 109 -10.65 -20.17 2.68
C PHE A 109 -9.68 -20.29 1.52
N ASN A 110 -10.06 -21.03 0.47
CA ASN A 110 -9.18 -21.18 -0.69
C ASN A 110 -9.09 -19.88 -1.48
N GLN A 111 -10.19 -19.14 -1.59
CA GLN A 111 -10.15 -17.88 -2.33
C GLN A 111 -9.27 -16.87 -1.62
N PHE A 112 -9.27 -16.89 -0.29
CA PHE A 112 -8.37 -16.01 0.47
C PHE A 112 -6.91 -16.37 0.20
N LYS A 113 -6.59 -17.66 0.24
CA LYS A 113 -5.21 -18.10 0.03
C LYS A 113 -4.73 -17.85 -1.39
N GLU A 114 -5.63 -17.73 -2.36
CA GLU A 114 -5.22 -17.45 -3.72
C GLU A 114 -4.85 -15.99 -3.94
N GLY A 115 -5.33 -15.10 -3.09
CA GLY A 115 -5.01 -13.69 -3.23
C GLY A 115 -5.70 -12.97 -4.36
N THR A 116 -6.71 -13.58 -4.97
CA THR A 116 -7.40 -12.93 -6.08
C THR A 116 -8.25 -11.75 -5.59
N ILE A 117 -8.73 -11.80 -4.36
CA ILE A 117 -9.62 -10.78 -3.81
C ILE A 117 -9.07 -10.12 -2.56
N GLY A 118 -7.87 -10.45 -2.14
CA GLY A 118 -7.35 -9.97 -0.87
C GLY A 118 -7.64 -10.93 0.26
N HIS A 119 -7.61 -10.40 1.48
CA HIS A 119 -7.82 -11.21 2.68
C HIS A 119 -9.02 -10.75 3.50
N ILE A 120 -9.89 -9.92 2.93
CA ILE A 120 -11.14 -9.54 3.58
C ILE A 120 -12.24 -9.56 2.53
N ALA A 121 -13.37 -10.17 2.86
CA ALA A 121 -14.52 -10.22 1.98
C ALA A 121 -15.73 -9.73 2.73
N PHE A 122 -16.57 -8.95 2.04
CA PHE A 122 -17.78 -8.42 2.63
C PHE A 122 -18.98 -9.27 2.20
N VAL A 123 -19.96 -9.35 3.07
CA VAL A 123 -21.11 -10.23 2.90
C VAL A 123 -22.33 -9.38 2.59
N HIS A 124 -22.87 -9.56 1.39
CA HIS A 124 -24.04 -8.80 0.96
C HIS A 124 -25.19 -9.74 0.61
N ARG A 125 -26.38 -9.15 0.55
CA ARG A 125 -27.59 -9.85 0.12
C ARG A 125 -28.34 -8.96 -0.85
N VAL A 126 -29.16 -9.60 -1.69
CA VAL A 126 -30.00 -8.88 -2.64
C VAL A 126 -31.30 -8.52 -1.92
N ASN A 127 -31.51 -7.22 -1.72
CA ASN A 127 -32.75 -6.72 -1.13
C ASN A 127 -33.71 -6.41 -2.28
N ASN A 128 -34.77 -7.20 -2.39
CA ASN A 128 -35.74 -7.07 -3.47
C ASN A 128 -37.14 -6.77 -2.93
N GLU A 129 -37.21 -6.15 -1.76
CA GLU A 129 -38.50 -5.78 -1.19
C GLU A 129 -38.91 -4.37 -1.60
N GLY A 130 -38.05 -3.39 -1.40
CA GLY A 130 -38.32 -2.03 -1.84
C GLY A 130 -38.54 -1.96 -3.33
N ASP A 131 -39.62 -1.31 -3.76
CA ASP A 131 -39.92 -1.22 -5.17
C ASP A 131 -38.81 -0.51 -5.92
N GLY A 132 -38.48 -1.01 -7.11
CA GLY A 132 -37.36 -0.54 -7.88
C GLY A 132 -36.44 -1.69 -8.23
N ASP A 133 -35.29 -1.33 -8.79
CA ASP A 133 -34.30 -2.35 -9.14
C ASP A 133 -33.82 -3.07 -7.89
N PRO A 134 -33.57 -4.38 -7.96
CA PRO A 134 -32.94 -5.06 -6.82
C PRO A 134 -31.55 -4.48 -6.58
N PHE A 135 -31.19 -4.33 -5.30
CA PHE A 135 -29.93 -3.74 -4.93
C PHE A 135 -29.24 -4.60 -3.87
N TYR A 136 -27.92 -4.50 -3.85
CA TYR A 136 -27.12 -5.22 -2.86
C TYR A 136 -27.13 -4.49 -1.53
N GLU A 137 -27.11 -5.27 -0.45
CA GLU A 137 -27.11 -4.73 0.91
C GLU A 137 -26.08 -5.50 1.72
N THR A 138 -25.04 -4.79 2.18
CA THR A 138 -23.98 -5.42 2.96
C THR A 138 -24.46 -5.70 4.37
N VAL A 139 -24.20 -6.91 4.87
CA VAL A 139 -24.62 -7.29 6.21
C VAL A 139 -23.45 -7.64 7.12
N GLY A 140 -22.25 -7.88 6.59
CA GLY A 140 -21.13 -8.23 7.44
C GLY A 140 -19.85 -8.31 6.66
N LEU A 141 -18.80 -8.74 7.35
CA LEU A 141 -17.48 -8.88 6.76
C LEU A 141 -16.80 -10.11 7.33
N VAL A 142 -16.00 -10.76 6.51
CA VAL A 142 -15.22 -11.93 6.90
C VAL A 142 -13.78 -11.73 6.42
N THR A 143 -12.83 -12.14 7.25
CA THR A 143 -11.41 -12.01 6.95
C THR A 143 -10.76 -13.38 6.96
N LEU A 144 -9.55 -13.44 6.39
CA LEU A 144 -8.75 -14.65 6.47
C LEU A 144 -8.46 -15.00 7.92
N GLU A 145 -8.25 -13.99 8.76
CA GLU A 145 -8.01 -14.23 10.18
C GLU A 145 -9.22 -14.88 10.84
N ASP A 146 -10.42 -14.50 10.42
CA ASP A 146 -11.63 -15.13 10.97
C ASP A 146 -11.65 -16.61 10.64
N VAL A 147 -11.22 -16.98 9.43
CA VAL A 147 -11.19 -18.39 9.04
C VAL A 147 -10.11 -19.12 9.83
N ILE A 148 -8.97 -18.48 10.07
CA ILE A 148 -7.86 -19.13 10.75
C ILE A 148 -8.24 -19.48 12.19
N GLU A 149 -8.85 -18.54 12.90
CA GLU A 149 -9.22 -18.81 14.29
C GLU A 149 -10.36 -19.82 14.37
N GLU A 150 -11.17 -19.92 13.32
CA GLU A 150 -12.16 -21.00 13.27
C GLU A 150 -11.47 -22.35 13.14
N LEU A 151 -10.38 -22.41 12.39
CA LEU A 151 -9.59 -23.62 12.30
C LEU A 151 -8.88 -23.94 13.61
N ILE A 152 -8.43 -22.91 14.33
CA ILE A 152 -7.70 -23.12 15.58
C ILE A 152 -8.64 -23.55 16.70
N GLN A 153 -9.83 -22.95 16.76
CA GLN A 153 -10.82 -23.30 17.78
C GLN A 153 -11.47 -24.66 17.59
N ALA A 154 -11.02 -25.45 16.60
CA ALA A 154 -11.72 -26.68 16.25
C ALA A 154 -10.78 -27.89 16.15
N GLU A 155 -9.59 -27.81 16.76
CA GLU A 155 -8.69 -28.95 16.75
C GLU A 155 -9.23 -30.07 17.65
N ILE A 156 -9.21 -31.29 17.12
CA ILE A 156 -9.73 -32.44 17.85
C ILE A 156 -8.68 -32.98 18.83
N GLY B 1 -10.91 6.35 21.48
CA GLY B 1 -11.59 5.97 22.72
C GLY B 1 -10.88 6.45 23.97
N PRO B 2 -9.84 5.73 24.38
CA PRO B 2 -9.12 6.14 25.60
C PRO B 2 -8.42 7.48 25.47
N LEU B 3 -7.91 7.80 24.27
CA LEU B 3 -7.18 9.05 24.08
C LEU B 3 -8.11 10.26 24.01
N GLY B 4 -9.41 10.04 23.83
CA GLY B 4 -10.36 11.14 23.89
C GLY B 4 -10.59 11.67 25.29
N SER B 5 -10.26 10.87 26.31
CA SER B 5 -10.44 11.28 27.70
C SER B 5 -9.23 11.97 28.28
N VAL B 6 -8.05 11.79 27.69
CA VAL B 6 -6.84 12.41 28.18
C VAL B 6 -6.61 13.73 27.45
N ASN B 7 -5.95 14.67 28.13
CA ASN B 7 -5.56 15.92 27.51
C ASN B 7 -4.27 15.67 26.72
N ILE B 8 -4.36 15.78 25.40
CA ILE B 8 -3.20 15.51 24.56
C ILE B 8 -2.14 16.59 24.76
N ILE B 9 -2.55 17.84 24.88
CA ILE B 9 -1.59 18.93 25.04
C ILE B 9 -0.77 18.74 26.32
N SER B 10 -1.45 18.47 27.43
CA SER B 10 -0.73 18.22 28.67
C SER B 10 0.04 16.90 28.61
N GLY B 11 -0.57 15.86 28.02
CA GLY B 11 0.12 14.60 27.90
C GLY B 11 1.36 14.69 27.04
N ALA B 12 1.28 15.45 25.94
CA ALA B 12 2.44 15.62 25.07
C ALA B 12 3.53 16.44 25.75
N LEU B 13 3.16 17.36 26.63
CA LEU B 13 4.16 18.09 27.40
C LEU B 13 4.94 17.14 28.31
N GLU B 14 4.25 16.20 28.96
CA GLU B 14 4.93 15.27 29.84
C GLU B 14 5.74 14.23 29.08
N LEU B 15 5.52 14.08 27.78
CA LEU B 15 6.35 13.18 26.98
C LEU B 15 7.77 13.69 26.87
N ARG B 16 8.01 14.99 27.11
CA ARG B 16 9.36 15.54 27.00
C ARG B 16 10.28 14.94 28.06
N LYS B 17 9.72 14.52 29.20
CA LYS B 17 10.47 13.95 30.30
C LYS B 17 10.90 12.50 30.07
N LYS B 18 10.45 11.88 28.97
CA LYS B 18 10.80 10.51 28.65
C LYS B 18 11.45 10.44 27.28
N THR B 19 12.10 9.31 27.02
CA THR B 19 12.78 9.06 25.76
C THR B 19 12.24 7.79 25.13
N VAL B 20 12.62 7.55 23.87
CA VAL B 20 12.14 6.37 23.17
C VAL B 20 12.64 5.10 23.83
N ALA B 21 13.79 5.17 24.51
CA ALA B 21 14.30 4.00 25.22
C ALA B 21 13.37 3.55 26.33
N ASP B 22 12.53 4.45 26.86
CA ASP B 22 11.63 4.10 27.94
C ASP B 22 10.41 3.34 27.47
N VAL B 23 10.04 3.45 26.19
CA VAL B 23 8.83 2.83 25.67
C VAL B 23 9.10 1.94 24.47
N MET B 24 10.35 1.83 24.03
CA MET B 24 10.65 1.02 22.86
C MET B 24 10.60 -0.46 23.19
N THR B 25 10.35 -1.27 22.16
CA THR B 25 10.48 -2.71 22.25
C THR B 25 11.90 -3.09 21.84
N HIS B 26 12.61 -3.79 22.72
CA HIS B 26 13.97 -4.22 22.38
C HIS B 26 13.93 -5.18 21.20
N ILE B 27 15.00 -5.15 20.40
CA ILE B 27 14.99 -5.87 19.14
C ILE B 27 14.91 -7.38 19.33
N ASN B 28 15.28 -7.89 20.51
CA ASN B 28 15.20 -9.32 20.76
C ASN B 28 13.80 -9.77 21.14
N ASP B 29 12.90 -8.85 21.49
CA ASP B 29 11.54 -9.17 21.88
C ASP B 29 10.52 -8.81 20.80
N ALA B 30 10.98 -8.55 19.58
CA ALA B 30 10.11 -8.04 18.52
C ALA B 30 9.88 -9.11 17.47
N PHE B 31 8.64 -9.23 17.00
CA PHE B 31 8.33 -10.12 15.90
C PHE B 31 8.86 -9.52 14.60
N MET B 32 9.76 -10.26 13.93
CA MET B 32 10.36 -9.80 12.69
C MET B 32 10.50 -10.97 11.74
N LEU B 33 10.70 -10.65 10.46
CA LEU B 33 10.81 -11.66 9.42
C LEU B 33 12.16 -11.53 8.70
N SER B 34 12.66 -12.67 8.23
CA SER B 34 13.91 -12.70 7.48
C SER B 34 13.63 -12.40 6.01
N LEU B 35 14.58 -11.73 5.35
CA LEU B 35 14.38 -11.35 3.96
C LEU B 35 14.29 -12.57 3.06
N ASP B 36 14.88 -13.69 3.48
CA ASP B 36 14.86 -14.92 2.71
C ASP B 36 13.60 -15.75 2.92
N ALA B 37 12.64 -15.25 3.67
CA ALA B 37 11.45 -16.02 3.99
C ALA B 37 10.59 -16.26 2.75
N LEU B 38 9.95 -17.42 2.71
CA LEU B 38 9.00 -17.76 1.67
C LEU B 38 7.59 -17.58 2.19
N LEU B 39 6.73 -16.97 1.38
CA LEU B 39 5.36 -16.65 1.81
C LEU B 39 4.44 -17.84 1.54
N ASP B 40 4.66 -18.91 2.29
CA ASP B 40 3.73 -20.02 2.34
C ASP B 40 2.69 -19.76 3.42
N PHE B 41 1.65 -20.61 3.44
CA PHE B 41 0.51 -20.35 4.32
C PHE B 41 0.93 -20.36 5.79
N GLU B 42 1.88 -21.22 6.16
CA GLU B 42 2.32 -21.28 7.55
C GLU B 42 2.93 -19.96 8.00
N THR B 43 3.74 -19.34 7.13
CA THR B 43 4.32 -18.04 7.47
C THR B 43 3.27 -16.94 7.39
N VAL B 44 2.43 -16.96 6.36
CA VAL B 44 1.37 -15.97 6.26
C VAL B 44 0.43 -16.06 7.46
N SER B 45 0.17 -17.27 7.94
CA SER B 45 -0.66 -17.43 9.12
C SER B 45 0.00 -16.84 10.36
N GLU B 46 1.30 -17.05 10.52
CA GLU B 46 2.03 -16.43 11.64
C GLU B 46 1.95 -14.91 11.54
N ILE B 47 2.02 -14.38 10.32
CA ILE B 47 1.91 -12.93 10.12
C ILE B 47 0.48 -12.46 10.37
N MET B 48 -0.49 -13.15 9.77
CA MET B 48 -1.88 -12.72 9.88
C MET B 48 -2.38 -12.77 11.31
N ASN B 49 -1.80 -13.64 12.14
CA ASN B 49 -2.24 -13.82 13.51
C ASN B 49 -1.23 -13.32 14.54
N SER B 50 -0.24 -12.55 14.10
CA SER B 50 0.67 -11.90 15.04
C SER B 50 0.07 -10.65 15.66
N GLY B 51 -1.08 -10.19 15.17
CA GLY B 51 -1.67 -8.96 15.64
C GLY B 51 -0.98 -7.70 15.17
N TYR B 52 0.05 -7.80 14.34
CA TYR B 52 0.81 -6.66 13.87
C TYR B 52 0.40 -6.28 12.45
N SER B 53 0.31 -4.98 12.20
CA SER B 53 0.07 -4.47 10.86
C SER B 53 1.35 -4.21 10.09
N ARG B 54 2.41 -3.81 10.78
N ARG B 54 2.42 -3.83 10.80
CA ARG B 54 3.70 -3.52 10.18
CA ARG B 54 3.70 -3.52 10.18
C ARG B 54 4.76 -4.36 10.86
C ARG B 54 4.78 -4.34 10.87
N ILE B 55 5.50 -5.13 10.08
CA ILE B 55 6.48 -6.08 10.59
C ILE B 55 7.85 -5.73 10.03
N PRO B 56 8.87 -5.60 10.87
CA PRO B 56 10.22 -5.35 10.35
C PRO B 56 10.77 -6.56 9.62
N VAL B 57 11.59 -6.30 8.61
CA VAL B 57 12.25 -7.33 7.81
C VAL B 57 13.76 -7.13 7.95
N TYR B 58 14.45 -8.15 8.43
CA TYR B 58 15.89 -8.09 8.63
C TYR B 58 16.59 -8.97 7.60
N ASP B 59 17.82 -8.57 7.25
CA ASP B 59 18.63 -9.28 6.28
C ASP B 59 19.88 -9.80 6.98
N GLY B 60 19.98 -11.12 7.11
CA GLY B 60 21.10 -11.72 7.79
C GLY B 60 20.97 -11.68 9.30
N ASP B 61 21.39 -10.57 9.90
CA ASP B 61 21.30 -10.38 11.34
C ASP B 61 20.04 -9.59 11.68
N ARG B 62 19.46 -9.89 12.86
CA ARG B 62 18.21 -9.24 13.26
C ARG B 62 18.38 -7.74 13.43
N LYS B 63 19.59 -7.28 13.73
CA LYS B 63 19.87 -5.86 13.86
C LYS B 63 20.02 -5.16 12.51
N ASN B 64 20.00 -5.92 11.41
CA ASN B 64 20.13 -5.34 10.07
C ASN B 64 18.74 -5.19 9.45
N ILE B 65 18.01 -4.19 9.92
CA ILE B 65 16.67 -3.92 9.40
C ILE B 65 16.80 -3.24 8.05
N VAL B 66 16.15 -3.82 7.03
CA VAL B 66 16.24 -3.29 5.68
C VAL B 66 14.91 -2.72 5.18
N THR B 67 13.78 -3.29 5.59
CA THR B 67 12.48 -2.79 5.10
C THR B 67 11.39 -3.25 6.06
N LEU B 68 10.14 -3.06 5.64
CA LEU B 68 8.97 -3.44 6.41
C LEU B 68 8.02 -4.23 5.52
N LEU B 69 7.24 -5.10 6.14
CA LEU B 69 6.17 -5.82 5.48
C LEU B 69 4.84 -5.39 6.10
N TYR B 70 3.97 -4.82 5.29
CA TYR B 70 2.63 -4.46 5.73
C TYR B 70 1.65 -5.59 5.38
N ILE B 71 0.59 -5.69 6.19
CA ILE B 71 -0.45 -6.68 5.91
C ILE B 71 -1.00 -6.48 4.50
N LYS B 72 -1.17 -5.23 4.08
CA LYS B 72 -1.65 -4.94 2.74
C LYS B 72 -0.78 -5.57 1.68
N ASP B 73 0.54 -5.67 1.93
CA ASP B 73 1.44 -6.27 0.95
C ASP B 73 1.17 -7.77 0.77
N LEU B 74 0.73 -8.45 1.84
CA LEU B 74 0.44 -9.88 1.73
C LEU B 74 -0.82 -10.14 0.91
N ALA B 75 -1.75 -9.19 0.89
CA ALA B 75 -2.89 -9.30 0.00
C ALA B 75 -2.40 -9.40 -1.44
N PHE B 76 -3.18 -10.10 -2.27
CA PHE B 76 -2.88 -10.31 -3.68
C PHE B 76 -1.66 -11.22 -3.88
N VAL B 77 -1.45 -12.15 -2.95
CA VAL B 77 -0.38 -13.14 -3.04
C VAL B 77 -0.99 -14.52 -2.85
N ASP B 78 -0.44 -15.50 -3.57
CA ASP B 78 -0.91 -16.88 -3.51
C ASP B 78 0.02 -17.67 -2.58
N THR B 79 -0.55 -18.23 -1.51
CA THR B 79 0.25 -18.98 -0.56
C THR B 79 0.77 -20.29 -1.14
N ASP B 80 0.14 -20.79 -2.21
CA ASP B 80 0.64 -22.00 -2.86
C ASP B 80 1.92 -21.72 -3.65
N ASP B 81 2.10 -20.48 -4.11
CA ASP B 81 3.27 -20.13 -4.90
C ASP B 81 4.55 -20.04 -4.07
N ASN B 82 4.43 -19.96 -2.74
CA ASN B 82 5.58 -19.79 -1.86
C ASN B 82 6.44 -18.61 -2.31
N THR B 83 5.77 -17.50 -2.59
CA THR B 83 6.45 -16.33 -3.13
C THR B 83 7.52 -15.85 -2.15
N PRO B 84 8.73 -15.56 -2.62
CA PRO B 84 9.78 -15.08 -1.71
C PRO B 84 9.45 -13.71 -1.16
N LEU B 85 9.68 -13.54 0.15
CA LEU B 85 9.45 -12.25 0.78
C LEU B 85 10.31 -11.15 0.15
N LYS B 86 11.53 -11.50 -0.28
CA LYS B 86 12.39 -10.51 -0.91
C LYS B 86 11.78 -10.01 -2.22
N THR B 87 11.15 -10.90 -2.98
CA THR B 87 10.47 -10.48 -4.20
C THR B 87 9.38 -9.47 -3.91
N LEU B 88 8.62 -9.70 -2.83
CA LEU B 88 7.56 -8.77 -2.47
C LEU B 88 8.14 -7.47 -1.93
N CYS B 89 9.19 -7.56 -1.11
CA CYS B 89 9.80 -6.35 -0.56
C CYS B 89 10.50 -5.54 -1.64
N GLU B 90 11.10 -6.21 -2.64
CA GLU B 90 11.72 -5.48 -3.73
C GLU B 90 10.68 -4.69 -4.54
N PHE B 91 9.43 -5.16 -4.56
CA PHE B 91 8.39 -4.45 -5.29
C PHE B 91 7.90 -3.24 -4.51
N TYR B 92 7.50 -3.43 -3.25
CA TYR B 92 6.90 -2.35 -2.49
C TYR B 92 7.93 -1.37 -1.95
N GLN B 93 9.16 -1.83 -1.68
CA GLN B 93 10.27 -0.97 -1.28
C GLN B 93 9.93 -0.12 -0.06
N ASN B 94 9.39 -0.78 0.96
CA ASN B 94 8.94 -0.06 2.15
C ASN B 94 10.14 0.53 2.89
N PRO B 95 10.20 1.85 3.07
CA PRO B 95 11.37 2.45 3.71
C PRO B 95 11.34 2.30 5.23
N VAL B 96 12.53 2.36 5.83
CA VAL B 96 12.71 2.28 7.26
C VAL B 96 13.48 3.50 7.74
N HIS B 97 13.12 4.01 8.90
CA HIS B 97 13.73 5.21 9.47
C HIS B 97 14.20 4.91 10.88
N PHE B 98 15.24 5.63 11.30
CA PHE B 98 15.93 5.35 12.54
C PHE B 98 16.01 6.60 13.41
N VAL B 99 15.92 6.39 14.73
CA VAL B 99 16.15 7.43 15.73
C VAL B 99 17.08 6.86 16.79
N PHE B 100 17.57 7.74 17.66
CA PHE B 100 18.45 7.35 18.75
C PHE B 100 17.67 7.19 20.05
N GLU B 101 18.29 6.51 21.02
CA GLU B 101 17.61 6.18 22.26
C GLU B 101 17.27 7.40 23.10
N ASP B 102 18.11 8.44 23.05
CA ASP B 102 17.86 9.65 23.83
C ASP B 102 16.85 10.58 23.18
N TYR B 103 16.23 10.16 22.08
CA TYR B 103 15.20 10.96 21.42
C TYR B 103 14.00 11.10 22.35
N THR B 104 13.66 12.33 22.70
CA THR B 104 12.54 12.56 23.61
C THR B 104 11.22 12.23 22.93
N LEU B 105 10.24 11.81 23.75
CA LEU B 105 8.99 11.27 23.20
C LEU B 105 8.11 12.37 22.61
N ASP B 106 8.21 13.60 23.12
CA ASP B 106 7.38 14.66 22.56
C ASP B 106 7.77 14.97 21.12
N ILE B 107 9.07 14.88 20.81
CA ILE B 107 9.50 15.08 19.44
C ILE B 107 9.25 13.82 18.60
N MET B 108 9.36 12.65 19.21
CA MET B 108 8.98 11.41 18.52
C MET B 108 7.48 11.41 18.23
N PHE B 109 6.67 11.86 19.17
CA PHE B 109 5.23 11.95 18.96
C PHE B 109 4.91 12.92 17.83
N ASN B 110 5.60 14.05 17.76
CA ASN B 110 5.31 15.02 16.72
C ASN B 110 5.82 14.58 15.36
N GLN B 111 6.92 13.84 15.30
CA GLN B 111 7.39 13.34 14.02
C GLN B 111 6.51 12.20 13.52
N PHE B 112 5.94 11.41 14.43
CA PHE B 112 4.98 10.39 14.02
C PHE B 112 3.72 11.02 13.43
N LYS B 113 3.26 12.13 14.02
CA LYS B 113 2.05 12.78 13.53
C LYS B 113 2.27 13.45 12.18
N GLU B 114 3.48 13.95 11.92
CA GLU B 114 3.77 14.56 10.62
C GLU B 114 3.76 13.54 9.49
N GLY B 115 3.87 12.25 9.82
CA GLY B 115 3.86 11.22 8.80
C GLY B 115 5.05 11.25 7.88
N THR B 116 6.13 11.93 8.28
CA THR B 116 7.29 12.04 7.42
C THR B 116 8.15 10.78 7.42
N ILE B 117 8.04 9.94 8.45
CA ILE B 117 8.84 8.72 8.54
C ILE B 117 7.93 7.53 8.74
N GLY B 118 6.62 7.74 8.64
CA GLY B 118 5.67 6.69 8.94
C GLY B 118 5.32 6.68 10.41
N HIS B 119 4.81 5.53 10.86
CA HIS B 119 4.37 5.37 12.24
C HIS B 119 5.21 4.35 13.01
N ILE B 120 6.37 3.95 12.50
CA ILE B 120 7.28 3.07 13.21
C ILE B 120 8.69 3.59 13.02
N ALA B 121 9.42 3.71 14.12
CA ALA B 121 10.81 4.17 14.10
C ALA B 121 11.68 3.13 14.78
N PHE B 122 12.78 2.77 14.13
CA PHE B 122 13.73 1.83 14.71
C PHE B 122 14.81 2.60 15.45
N VAL B 123 15.29 2.01 16.54
CA VAL B 123 16.20 2.66 17.47
C VAL B 123 17.58 2.03 17.29
N HIS B 124 18.56 2.84 16.91
CA HIS B 124 19.92 2.38 16.70
C HIS B 124 20.90 3.19 17.55
N ARG B 125 22.05 2.60 17.82
CA ARG B 125 23.14 3.27 18.51
C ARG B 125 24.41 3.14 17.68
N VAL B 126 25.33 4.07 17.88
CA VAL B 126 26.63 4.02 17.22
C VAL B 126 27.55 3.11 18.03
N ASN B 127 28.14 2.13 17.35
CA ASN B 127 29.05 1.18 17.98
C ASN B 127 30.48 1.62 17.68
N ASN B 128 31.03 2.45 18.56
CA ASN B 128 32.32 3.11 18.35
C ASN B 128 33.47 2.39 19.03
N GLU B 129 33.21 1.32 19.77
CA GLU B 129 34.27 0.61 20.49
C GLU B 129 34.95 -0.46 19.67
N GLY B 130 34.43 -0.79 18.49
CA GLY B 130 35.01 -1.81 17.66
C GLY B 130 36.28 -1.36 16.96
N ASP B 131 36.89 -2.29 16.23
CA ASP B 131 38.09 -2.04 15.44
C ASP B 131 37.66 -1.85 13.99
N GLY B 132 37.39 -0.61 13.62
CA GLY B 132 36.96 -0.30 12.28
C GLY B 132 36.09 0.94 12.29
N ASP B 133 35.43 1.17 11.16
CA ASP B 133 34.52 2.31 11.06
C ASP B 133 33.39 2.16 12.07
N PRO B 134 32.93 3.27 12.65
CA PRO B 134 31.72 3.19 13.50
C PRO B 134 30.52 2.79 12.66
N PHE B 135 29.64 1.99 13.25
CA PHE B 135 28.47 1.50 12.54
C PHE B 135 27.24 1.61 13.44
N TYR B 136 26.09 1.78 12.80
CA TYR B 136 24.82 1.80 13.52
C TYR B 136 24.44 0.39 13.94
N GLU B 137 23.96 0.25 15.17
CA GLU B 137 23.52 -1.03 15.72
C GLU B 137 22.09 -0.87 16.20
N THR B 138 21.16 -1.54 15.52
CA THR B 138 19.75 -1.45 15.89
C THR B 138 19.51 -2.17 17.21
N VAL B 139 18.89 -1.48 18.16
CA VAL B 139 18.64 -2.03 19.49
C VAL B 139 17.16 -2.12 19.84
N GLY B 140 16.28 -1.46 19.09
CA GLY B 140 14.88 -1.55 19.41
C GLY B 140 14.03 -0.88 18.35
N LEU B 141 12.74 -0.74 18.66
CA LEU B 141 11.79 -0.11 17.77
C LEU B 141 10.66 0.49 18.60
N VAL B 142 10.12 1.60 18.12
CA VAL B 142 9.00 2.28 18.76
C VAL B 142 7.97 2.61 17.68
N THR B 143 6.70 2.57 18.07
CA THR B 143 5.59 2.85 17.17
C THR B 143 4.76 4.00 17.72
N LEU B 144 3.94 4.59 16.85
CA LEU B 144 3.00 5.61 17.29
C LEU B 144 2.06 5.04 18.35
N GLU B 145 1.67 3.77 18.21
CA GLU B 145 0.82 3.14 19.21
C GLU B 145 1.52 3.04 20.56
N ASP B 146 2.85 2.86 20.55
CA ASP B 146 3.58 2.85 21.81
C ASP B 146 3.52 4.22 22.50
N VAL B 147 3.67 5.30 21.72
CA VAL B 147 3.54 6.64 22.29
C VAL B 147 2.10 6.89 22.73
N ILE B 148 1.14 6.44 21.94
CA ILE B 148 -0.27 6.62 22.31
C ILE B 148 -0.57 5.91 23.62
N GLU B 149 -0.05 4.68 23.78
CA GLU B 149 -0.26 3.96 25.04
C GLU B 149 0.36 4.69 26.21
N GLU B 150 1.50 5.35 26.00
CA GLU B 150 2.10 6.14 27.07
C GLU B 150 1.22 7.32 27.45
N LEU B 151 0.59 7.96 26.46
CA LEU B 151 -0.36 9.03 26.75
C LEU B 151 -1.57 8.51 27.51
N ILE B 152 -1.98 7.27 27.25
CA ILE B 152 -3.15 6.71 27.92
C ILE B 152 -2.80 6.25 29.33
N GLN B 153 -1.59 5.70 29.52
CA GLN B 153 -1.18 5.25 30.84
C GLN B 153 -1.08 6.39 31.85
N ALA B 154 -0.99 7.63 31.38
CA ALA B 154 -1.00 8.78 32.25
C ALA B 154 -2.41 9.35 32.36
N GLU B 155 -2.71 9.94 33.51
CA GLU B 155 -4.03 10.50 33.75
C GLU B 155 -3.94 11.81 34.52
N MET C 1 -18.51 -5.39 -9.85
CA MET C 1 -19.00 -6.77 -9.92
C MET C 1 -19.45 -7.11 -11.34
N PRO C 2 -18.61 -7.81 -12.08
CA PRO C 2 -18.91 -8.15 -13.47
C PRO C 2 -19.60 -9.50 -13.61
N ALA C 3 -20.17 -9.72 -14.80
CA ALA C 3 -20.85 -10.96 -15.15
C ALA C 3 -20.95 -11.01 -16.67
N LEU C 4 -20.27 -11.98 -17.28
CA LEU C 4 -20.16 -12.05 -18.74
C LEU C 4 -21.17 -13.04 -19.29
N ILE C 5 -22.20 -12.53 -19.95
CA ILE C 5 -23.19 -13.36 -20.64
C ILE C 5 -22.82 -13.41 -22.11
N GLU C 6 -22.80 -14.61 -22.69
CA GLU C 6 -22.42 -14.78 -24.09
C GLU C 6 -23.38 -15.76 -24.75
N TYR C 7 -23.89 -15.38 -25.92
CA TYR C 7 -24.83 -16.22 -26.65
C TYR C 7 -24.77 -15.86 -28.13
N LYS C 8 -24.43 -16.85 -28.97
CA LYS C 8 -24.37 -16.67 -30.42
C LYS C 8 -23.43 -15.52 -30.81
N GLY C 9 -22.24 -15.51 -30.19
CA GLY C 9 -21.22 -14.53 -30.51
C GLY C 9 -21.36 -13.19 -29.80
N MET C 10 -22.54 -12.83 -29.33
CA MET C 10 -22.71 -11.58 -28.61
C MET C 10 -22.32 -11.74 -27.15
N LYS C 11 -21.56 -10.78 -26.64
CA LYS C 11 -21.03 -10.82 -25.28
C LYS C 11 -21.50 -9.60 -24.51
N PHE C 12 -22.02 -9.84 -23.31
CA PHE C 12 -22.55 -8.78 -22.45
C PHE C 12 -21.87 -8.87 -21.09
N LEU C 13 -21.43 -7.73 -20.57
CA LEU C 13 -20.80 -7.65 -19.25
C LEU C 13 -21.72 -6.84 -18.34
N ILE C 14 -22.45 -7.53 -17.47
CA ILE C 14 -23.36 -6.88 -16.53
C ILE C 14 -22.54 -6.47 -15.31
N THR C 15 -22.23 -5.18 -15.21
CA THR C 15 -21.50 -4.63 -14.08
C THR C 15 -22.44 -3.77 -13.24
N ASP C 16 -21.91 -3.27 -12.13
CA ASP C 16 -22.62 -2.31 -11.31
C ASP C 16 -22.11 -0.90 -11.61
N ARG C 17 -22.64 0.07 -10.88
CA ARG C 17 -22.29 1.46 -11.12
C ARG C 17 -20.86 1.73 -10.67
N PRO C 18 -19.95 2.11 -11.56
CA PRO C 18 -18.58 2.40 -11.14
C PRO C 18 -18.53 3.72 -10.36
N SER C 19 -17.59 3.77 -9.41
CA SER C 19 -17.37 4.97 -8.61
C SER C 19 -16.00 5.56 -8.91
N ASP C 20 -15.86 6.85 -8.61
CA ASP C 20 -14.58 7.50 -8.78
C ASP C 20 -13.53 6.98 -7.79
N ILE C 21 -13.98 6.30 -6.73
CA ILE C 21 -13.04 5.76 -5.76
C ILE C 21 -12.32 4.55 -6.34
N THR C 22 -13.00 3.74 -7.13
CA THR C 22 -12.45 2.49 -7.66
C THR C 22 -12.61 2.40 -9.17
N ILE C 23 -12.46 3.53 -9.87
CA ILE C 23 -12.67 3.53 -11.31
C ILE C 23 -11.55 2.80 -12.03
N ASN C 24 -10.34 2.79 -11.47
CA ASN C 24 -9.21 2.14 -12.14
C ASN C 24 -9.43 0.64 -12.26
N HIS C 25 -9.85 -0.01 -11.17
CA HIS C 25 -10.12 -1.44 -11.23
C HIS C 25 -11.35 -1.76 -12.06
N TYR C 26 -12.25 -0.80 -12.23
CA TYR C 26 -13.37 -0.99 -13.14
C TYR C 26 -12.90 -0.98 -14.59
N ILE C 27 -11.93 -0.13 -14.91
CA ILE C 27 -11.42 -0.05 -16.28
C ILE C 27 -10.65 -1.30 -16.65
N MET C 28 -9.90 -1.87 -15.70
CA MET C 28 -9.15 -3.08 -16.01
C MET C 28 -10.08 -4.27 -16.24
N GLU C 29 -11.20 -4.33 -15.50
CA GLU C 29 -12.18 -5.39 -15.74
C GLU C 29 -12.82 -5.24 -17.11
N LEU C 30 -13.02 -4.00 -17.57
CA LEU C 30 -13.53 -3.78 -18.91
C LEU C 30 -12.50 -4.23 -19.95
N LYS C 31 -11.25 -3.79 -19.81
CA LYS C 31 -10.20 -4.19 -20.73
C LYS C 31 -9.97 -5.70 -20.69
N LYS C 32 -10.15 -6.32 -19.52
CA LYS C 32 -9.97 -7.76 -19.42
C LYS C 32 -11.04 -8.51 -20.20
N ASN C 33 -12.22 -7.92 -20.37
CA ASN C 33 -13.31 -8.54 -21.10
C ASN C 33 -13.50 -7.94 -22.49
N ASN C 34 -12.53 -7.18 -22.98
CA ASN C 34 -12.57 -6.59 -24.32
C ASN C 34 -13.82 -5.73 -24.51
N VAL C 35 -14.04 -4.82 -23.57
CA VAL C 35 -15.20 -3.94 -23.57
C VAL C 35 -14.77 -2.57 -24.08
N ASN C 36 -15.43 -2.10 -25.13
CA ASN C 36 -15.20 -0.77 -25.66
C ASN C 36 -16.30 0.22 -25.31
N THR C 37 -17.52 -0.26 -25.06
CA THR C 37 -18.67 0.59 -24.81
C THR C 37 -19.33 0.19 -23.51
N VAL C 38 -19.73 1.19 -22.73
CA VAL C 38 -20.46 0.99 -21.48
C VAL C 38 -21.80 1.69 -21.61
N VAL C 39 -22.88 0.92 -21.52
CA VAL C 39 -24.24 1.46 -21.57
C VAL C 39 -24.70 1.69 -20.14
N ARG C 40 -25.02 2.94 -19.82
CA ARG C 40 -25.48 3.32 -18.49
C ARG C 40 -26.98 3.48 -18.51
N VAL C 41 -27.68 2.64 -17.74
CA VAL C 41 -29.14 2.68 -17.66
C VAL C 41 -29.64 3.29 -16.36
N CYS C 42 -28.75 3.81 -15.53
CA CYS C 42 -29.12 4.57 -14.35
C CYS C 42 -28.69 6.02 -14.52
N GLU C 43 -28.98 6.84 -13.52
CA GLU C 43 -28.60 8.24 -13.59
C GLU C 43 -27.09 8.39 -13.47
N PRO C 44 -26.49 9.33 -14.22
CA PRO C 44 -25.03 9.49 -14.15
C PRO C 44 -24.58 9.94 -12.77
N SER C 45 -23.55 9.26 -12.26
CA SER C 45 -23.02 9.57 -10.94
C SER C 45 -21.50 9.39 -10.88
N TYR C 46 -20.82 9.43 -12.02
CA TYR C 46 -19.37 9.28 -12.04
C TYR C 46 -18.81 10.02 -13.24
N ASN C 47 -17.52 10.36 -13.14
CA ASN C 47 -16.85 11.07 -14.22
C ASN C 47 -16.62 10.14 -15.41
N THR C 48 -16.98 10.61 -16.60
CA THR C 48 -16.86 9.82 -17.81
C THR C 48 -15.58 10.10 -18.59
N ASP C 49 -14.80 11.10 -18.18
CA ASP C 49 -13.61 11.48 -18.93
C ASP C 49 -12.54 10.39 -18.87
N GLU C 50 -12.33 9.81 -17.69
CA GLU C 50 -11.27 8.81 -17.54
C GLU C 50 -11.55 7.58 -18.39
N LEU C 51 -12.82 7.18 -18.50
CA LEU C 51 -13.17 6.05 -19.34
C LEU C 51 -12.90 6.34 -20.81
N GLU C 52 -13.14 7.58 -21.24
CA GLU C 52 -12.91 7.94 -22.63
C GLU C 52 -11.43 7.93 -22.97
N THR C 53 -10.56 8.30 -22.01
CA THR C 53 -9.13 8.29 -22.28
C THR C 53 -8.61 6.88 -22.52
N GLN C 54 -9.21 5.88 -21.87
CA GLN C 54 -8.80 4.49 -22.03
C GLN C 54 -9.52 3.80 -23.19
N GLY C 55 -10.27 4.55 -24.00
CA GLY C 55 -10.97 4.00 -25.14
C GLY C 55 -12.38 3.52 -24.85
N ILE C 56 -12.80 3.53 -23.59
CA ILE C 56 -14.15 3.08 -23.22
C ILE C 56 -15.12 4.22 -23.40
N THR C 57 -16.06 4.06 -24.33
CA THR C 57 -17.12 5.04 -24.53
C THR C 57 -18.32 4.69 -23.67
N VAL C 58 -19.01 5.72 -23.20
CA VAL C 58 -20.16 5.57 -22.32
C VAL C 58 -21.40 6.05 -23.05
N LYS C 59 -22.44 5.22 -23.07
CA LYS C 59 -23.73 5.56 -23.68
CA LYS C 59 -23.73 5.56 -23.68
C LYS C 59 -24.79 5.58 -22.59
N ASP C 60 -25.54 6.68 -22.52
CA ASP C 60 -26.57 6.86 -21.49
C ASP C 60 -27.91 6.45 -22.06
N LEU C 61 -28.48 5.38 -21.52
CA LEU C 61 -29.79 4.86 -21.90
C LEU C 61 -30.65 4.62 -20.67
N ALA C 62 -30.71 5.62 -19.79
CA ALA C 62 -31.36 5.44 -18.51
C ALA C 62 -32.88 5.44 -18.63
N PHE C 63 -33.55 4.74 -17.70
CA PHE C 63 -34.99 4.78 -17.58
C PHE C 63 -35.36 4.56 -16.12
N GLU C 64 -36.66 4.61 -15.83
CA GLU C 64 -37.15 4.60 -14.46
C GLU C 64 -36.69 3.34 -13.73
N ASP C 65 -36.41 3.51 -12.43
CA ASP C 65 -35.88 2.42 -11.63
C ASP C 65 -36.94 1.36 -11.38
N GLY C 66 -36.59 0.10 -11.63
CA GLY C 66 -37.47 -1.02 -11.38
C GLY C 66 -38.59 -1.20 -12.39
N THR C 67 -38.53 -0.51 -13.52
CA THR C 67 -39.56 -0.59 -14.55
C THR C 67 -39.01 -1.31 -15.78
N PHE C 68 -39.83 -1.36 -16.82
CA PHE C 68 -39.45 -1.93 -18.10
C PHE C 68 -38.99 -0.81 -19.04
N PRO C 69 -37.93 -1.03 -19.81
CA PRO C 69 -37.43 0.02 -20.70
C PRO C 69 -38.46 0.39 -21.75
N PRO C 70 -38.61 1.68 -22.04
CA PRO C 70 -39.49 2.10 -23.15
C PRO C 70 -38.95 1.61 -24.48
N GLN C 71 -39.80 1.71 -25.50
CA GLN C 71 -39.42 1.21 -26.83
C GLN C 71 -38.24 1.98 -27.40
N GLN C 72 -38.19 3.30 -27.16
CA GLN C 72 -37.07 4.09 -27.65
C GLN C 72 -35.75 3.58 -27.06
N VAL C 73 -35.77 3.15 -25.80
CA VAL C 73 -34.57 2.59 -25.19
C VAL C 73 -34.24 1.23 -25.78
N VAL C 74 -35.26 0.39 -25.96
CA VAL C 74 -35.03 -0.94 -26.52
C VAL C 74 -34.48 -0.84 -27.95
N ASP C 75 -35.03 0.07 -28.75
CA ASP C 75 -34.56 0.22 -30.12
C ASP C 75 -33.12 0.70 -30.17
N GLU C 76 -32.80 1.72 -29.36
CA GLU C 76 -31.42 2.22 -29.31
C GLU C 76 -30.47 1.16 -28.75
N TRP C 77 -30.93 0.39 -27.77
CA TRP C 77 -30.11 -0.67 -27.21
C TRP C 77 -29.79 -1.74 -28.25
N PHE C 78 -30.79 -2.11 -29.06
CA PHE C 78 -30.51 -3.05 -30.14
C PHE C 78 -29.68 -2.40 -31.23
N GLU C 79 -29.84 -1.09 -31.45
CA GLU C 79 -29.06 -0.39 -32.47
C GLU C 79 -27.59 -0.37 -32.10
N VAL C 80 -27.27 -0.03 -30.84
CA VAL C 80 -25.87 0.02 -30.43
C VAL C 80 -25.27 -1.38 -30.40
N LEU C 81 -26.08 -2.40 -30.11
CA LEU C 81 -25.57 -3.77 -30.16
C LEU C 81 -25.19 -4.18 -31.57
N LYS C 82 -26.05 -3.85 -32.55
CA LYS C 82 -25.74 -4.18 -33.94
C LYS C 82 -24.54 -3.40 -34.45
N ASP C 83 -24.32 -2.19 -33.93
CA ASP C 83 -23.18 -1.39 -34.37
C ASP C 83 -21.87 -1.95 -33.83
N LYS C 84 -21.86 -2.38 -32.57
CA LYS C 84 -20.62 -2.86 -31.96
C LYS C 84 -20.24 -4.26 -32.46
N TYR C 85 -21.23 -5.11 -32.73
CA TYR C 85 -20.92 -6.45 -33.22
C TYR C 85 -20.39 -6.41 -34.65
N GLN C 86 -20.87 -5.47 -35.46
CA GLN C 86 -20.32 -5.29 -36.79
C GLN C 86 -18.96 -4.61 -36.77
N GLN C 87 -18.73 -3.72 -35.79
CA GLN C 87 -17.42 -3.08 -35.65
C GLN C 87 -16.38 -4.08 -35.16
N ASN C 88 -16.69 -4.80 -34.07
CA ASN C 88 -15.79 -5.82 -33.53
C ASN C 88 -16.66 -6.88 -32.87
N PRO C 89 -16.88 -8.02 -33.54
CA PRO C 89 -17.69 -9.08 -32.93
C PRO C 89 -17.07 -9.69 -31.68
N GLU C 90 -15.75 -9.60 -31.52
CA GLU C 90 -15.08 -10.09 -30.32
C GLU C 90 -15.18 -9.11 -29.16
N ALA C 91 -15.72 -7.92 -29.38
CA ALA C 91 -15.82 -6.90 -28.34
C ALA C 91 -17.10 -7.08 -27.55
N ALA C 92 -16.99 -7.05 -26.23
CA ALA C 92 -18.14 -7.16 -25.35
C ALA C 92 -18.70 -5.78 -25.03
N VAL C 93 -20.00 -5.72 -24.81
CA VAL C 93 -20.69 -4.49 -24.45
C VAL C 93 -21.05 -4.56 -22.98
N ALA C 94 -20.59 -3.58 -22.20
CA ALA C 94 -20.89 -3.52 -20.79
C ALA C 94 -22.17 -2.74 -20.54
N VAL C 95 -22.98 -3.22 -19.61
CA VAL C 95 -24.22 -2.56 -19.22
C VAL C 95 -24.28 -2.53 -17.69
N HIS C 96 -24.72 -1.40 -17.13
CA HIS C 96 -24.82 -1.31 -15.68
C HIS C 96 -25.97 -0.40 -15.28
N CYS C 97 -26.78 -0.89 -14.35
CA CYS C 97 -27.61 0.00 -13.54
C CYS C 97 -26.87 0.16 -12.22
N VAL C 98 -27.58 0.52 -11.14
CA VAL C 98 -26.90 0.86 -9.90
C VAL C 98 -26.09 -0.33 -9.39
N ALA C 99 -26.69 -1.51 -9.35
CA ALA C 99 -26.04 -2.71 -8.86
C ALA C 99 -25.95 -3.82 -9.90
N GLY C 100 -26.35 -3.55 -11.15
CA GLY C 100 -26.35 -4.60 -12.16
C GLY C 100 -27.33 -5.71 -11.86
N LEU C 101 -28.43 -5.41 -11.17
CA LEU C 101 -29.42 -6.40 -10.79
C LEU C 101 -30.77 -6.19 -11.48
N GLY C 102 -31.00 -5.03 -12.07
CA GLY C 102 -32.34 -4.69 -12.53
C GLY C 102 -32.40 -4.26 -13.98
N ARG C 103 -32.27 -2.95 -14.20
CA ARG C 103 -32.43 -2.39 -15.54
C ARG C 103 -31.38 -2.92 -16.51
N ALA C 104 -30.15 -3.16 -16.04
CA ALA C 104 -29.13 -3.68 -16.96
C ALA C 104 -29.40 -5.13 -17.35
N PRO C 105 -29.68 -6.07 -16.42
CA PRO C 105 -29.97 -7.43 -16.86
C PRO C 105 -31.22 -7.55 -17.71
N VAL C 106 -32.16 -6.60 -17.59
CA VAL C 106 -33.36 -6.66 -18.42
C VAL C 106 -33.03 -6.38 -19.88
N LEU C 107 -32.13 -5.41 -20.12
CA LEU C 107 -31.71 -5.14 -21.49
C LEU C 107 -30.96 -6.33 -22.08
N VAL C 108 -30.11 -6.97 -21.29
CA VAL C 108 -29.42 -8.18 -21.75
C VAL C 108 -30.44 -9.29 -22.03
N ALA C 109 -31.46 -9.40 -21.18
CA ALA C 109 -32.48 -10.41 -21.40
C ALA C 109 -33.20 -10.19 -22.73
N LEU C 110 -33.57 -8.94 -23.02
CA LEU C 110 -34.22 -8.65 -24.29
C LEU C 110 -33.33 -9.00 -25.47
N ALA C 111 -32.03 -8.76 -25.35
CA ALA C 111 -31.10 -9.15 -26.41
C ALA C 111 -31.05 -10.67 -26.56
N LEU C 112 -30.96 -11.39 -25.45
CA LEU C 112 -30.94 -12.85 -25.50
C LEU C 112 -32.24 -13.39 -26.10
N ILE C 113 -33.38 -12.75 -25.77
CA ILE C 113 -34.65 -13.16 -26.33
C ILE C 113 -34.67 -12.87 -27.84
N GLU C 114 -34.12 -11.73 -28.24
CA GLU C 114 -34.05 -11.40 -29.66
C GLU C 114 -33.09 -12.30 -30.43
N LEU C 115 -32.24 -13.05 -29.73
CA LEU C 115 -31.31 -13.98 -30.38
C LEU C 115 -31.84 -15.40 -30.48
N GLY C 116 -32.95 -15.72 -29.81
CA GLY C 116 -33.55 -17.03 -29.95
C GLY C 116 -33.87 -17.75 -28.65
N LEU C 117 -33.56 -17.12 -27.51
CA LEU C 117 -33.84 -17.73 -26.22
C LEU C 117 -35.22 -17.31 -25.72
N LYS C 118 -35.93 -18.27 -25.13
CA LYS C 118 -37.16 -17.92 -24.42
C LYS C 118 -36.83 -17.14 -23.15
N TYR C 119 -37.78 -16.32 -22.71
CA TYR C 119 -37.49 -15.41 -21.60
C TYR C 119 -37.09 -16.17 -20.34
N GLU C 120 -37.65 -17.36 -20.12
CA GLU C 120 -37.26 -18.14 -18.95
C GLU C 120 -35.85 -18.69 -19.09
N ALA C 121 -35.41 -18.99 -20.32
CA ALA C 121 -34.04 -19.43 -20.52
C ALA C 121 -33.07 -18.27 -20.38
N ALA C 122 -33.44 -17.09 -20.88
CA ALA C 122 -32.59 -15.91 -20.74
C ALA C 122 -32.45 -15.50 -19.28
N VAL C 123 -33.56 -15.49 -18.54
CA VAL C 123 -33.52 -15.09 -17.14
C VAL C 123 -32.68 -16.07 -16.33
N GLU C 124 -32.84 -17.37 -16.57
CA GLU C 124 -32.04 -18.35 -15.85
C GLU C 124 -30.56 -18.22 -16.17
N MET C 125 -30.23 -17.95 -17.44
CA MET C 125 -28.83 -17.76 -17.82
C MET C 125 -28.23 -16.55 -17.11
N ILE C 126 -29.01 -15.49 -16.95
CA ILE C 126 -28.52 -14.29 -16.27
C ILE C 126 -28.34 -14.57 -14.78
N ARG C 127 -29.36 -15.18 -14.16
CA ARG C 127 -29.29 -15.47 -12.73
C ARG C 127 -28.25 -16.55 -12.42
N ASP C 128 -27.83 -17.34 -13.41
CA ASP C 128 -26.77 -18.31 -13.17
C ASP C 128 -25.44 -17.61 -12.91
N LYS C 129 -25.26 -16.40 -13.43
CA LYS C 129 -24.05 -15.62 -13.22
C LYS C 129 -24.28 -14.36 -12.41
N ARG C 130 -25.53 -14.05 -12.05
CA ARG C 130 -25.85 -12.82 -11.34
C ARG C 130 -27.09 -13.12 -10.47
N ARG C 131 -26.85 -13.49 -9.22
CA ARG C 131 -27.94 -13.93 -8.37
C ARG C 131 -28.93 -12.80 -8.13
N GLY C 132 -30.22 -13.13 -8.23
CA GLY C 132 -31.31 -12.19 -7.98
C GLY C 132 -31.28 -10.97 -8.89
N ALA C 133 -31.23 -11.19 -10.20
CA ALA C 133 -30.92 -10.13 -11.16
C ALA C 133 -32.12 -9.63 -11.94
N ILE C 134 -33.34 -9.92 -11.50
CA ILE C 134 -34.54 -9.39 -12.15
C ILE C 134 -35.69 -9.39 -11.15
N ASN C 135 -36.41 -8.28 -11.05
CA ASN C 135 -37.55 -8.27 -10.15
C ASN C 135 -38.79 -8.79 -10.87
N ALA C 136 -39.84 -9.05 -10.09
CA ALA C 136 -41.04 -9.69 -10.63
C ALA C 136 -41.72 -8.82 -11.69
N LYS C 137 -41.75 -7.51 -11.48
CA LYS C 137 -42.39 -6.62 -12.45
C LYS C 137 -41.64 -6.63 -13.78
N GLN C 138 -40.32 -6.47 -13.73
CA GLN C 138 -39.52 -6.55 -14.96
C GLN C 138 -39.63 -7.92 -15.60
N LEU C 139 -39.83 -8.96 -14.80
CA LEU C 139 -40.08 -10.29 -15.36
C LEU C 139 -41.45 -10.36 -16.01
N SER C 140 -42.43 -9.64 -15.46
CA SER C 140 -43.78 -9.66 -16.00
C SER C 140 -43.83 -9.04 -17.39
N PHE C 141 -42.90 -8.14 -17.71
CA PHE C 141 -42.85 -7.58 -19.05
C PHE C 141 -41.89 -8.35 -19.96
N LEU C 142 -40.91 -9.04 -19.39
CA LEU C 142 -40.08 -9.93 -20.20
C LEU C 142 -40.90 -11.07 -20.78
N GLU C 143 -41.88 -11.57 -20.01
CA GLU C 143 -42.72 -12.66 -20.49
C GLU C 143 -43.68 -12.21 -21.58
N LYS C 144 -44.03 -10.92 -21.62
CA LYS C 144 -44.91 -10.40 -22.65
C LYS C 144 -44.16 -9.88 -23.87
N TYR C 145 -42.85 -9.70 -23.78
CA TYR C 145 -42.09 -9.15 -24.90
C TYR C 145 -42.09 -10.11 -26.07
N LYS C 146 -42.33 -9.59 -27.28
CA LYS C 146 -42.38 -10.41 -28.48
C LYS C 146 -41.18 -10.11 -29.35
N PRO C 147 -40.26 -11.04 -29.53
CA PRO C 147 -39.11 -10.80 -30.41
C PRO C 147 -39.49 -10.88 -31.88
N LYS C 148 -38.57 -10.44 -32.72
CA LYS C 148 -38.76 -10.53 -34.17
C LYS C 148 -37.41 -10.57 -34.88
N ALA C 149 -36.43 -11.24 -34.25
CA ALA C 149 -35.08 -11.40 -34.82
C ALA C 149 -34.45 -10.05 -35.18
N ARG C 150 -34.59 -9.08 -34.29
CA ARG C 150 -34.03 -7.75 -34.53
C ARG C 150 -32.51 -7.72 -34.45
N LEU C 151 -31.88 -8.84 -34.10
CA LEU C 151 -30.43 -8.98 -34.06
C LEU C 151 -29.98 -10.15 -34.93
N LYS C 152 -30.57 -10.27 -36.12
CA LYS C 152 -30.34 -11.44 -36.96
C LYS C 152 -28.96 -11.43 -37.61
N HIS C 153 -28.51 -10.27 -38.08
CA HIS C 153 -27.21 -10.18 -38.74
C HIS C 153 -26.37 -9.04 -38.18
N MET D 1 21.33 7.27 7.15
CA MET D 1 20.49 8.45 7.21
C MET D 1 21.17 9.63 6.50
N PRO D 2 20.40 10.41 5.75
CA PRO D 2 20.99 11.53 5.00
C PRO D 2 21.45 12.65 5.92
N ALA D 3 22.57 13.27 5.58
CA ALA D 3 23.12 14.39 6.33
C ALA D 3 23.79 15.34 5.34
N LEU D 4 23.25 16.53 5.19
CA LEU D 4 23.75 17.50 4.22
C LEU D 4 24.73 18.45 4.89
N ILE D 5 25.95 18.52 4.36
CA ILE D 5 26.99 19.41 4.86
C ILE D 5 27.23 20.49 3.81
N GLU D 6 27.03 21.74 4.19
CA GLU D 6 27.23 22.88 3.30
C GLU D 6 28.27 23.81 3.89
N TYR D 7 29.21 24.24 3.07
CA TYR D 7 30.25 25.18 3.50
C TYR D 7 30.88 25.82 2.29
N LYS D 8 30.77 27.14 2.18
CA LYS D 8 31.37 27.92 1.08
C LYS D 8 30.89 27.41 -0.28
N GLY D 9 29.59 27.16 -0.40
CA GLY D 9 28.99 26.73 -1.65
C GLY D 9 28.98 25.24 -1.89
N MET D 10 30.07 24.56 -1.53
CA MET D 10 30.16 23.12 -1.74
C MET D 10 29.19 22.40 -0.79
N LYS D 11 28.45 21.44 -1.34
CA LYS D 11 27.45 20.69 -0.59
C LYS D 11 27.80 19.22 -0.62
N PHE D 12 27.82 18.60 0.55
CA PHE D 12 28.16 17.18 0.71
C PHE D 12 27.00 16.47 1.38
N LEU D 13 26.63 15.31 0.85
CA LEU D 13 25.54 14.50 1.38
C LEU D 13 26.13 13.21 1.91
N ILE D 14 26.26 13.11 3.23
CA ILE D 14 26.79 11.91 3.88
C ILE D 14 25.62 10.95 4.12
N THR D 15 25.58 9.88 3.35
CA THR D 15 24.53 8.87 3.46
C THR D 15 25.13 7.55 3.91
N ASP D 16 24.26 6.59 4.17
CA ASP D 16 24.68 5.23 4.48
C ASP D 16 24.62 4.38 3.22
N ARG D 17 24.92 3.10 3.38
CA ARG D 17 24.99 2.19 2.25
C ARG D 17 23.59 1.94 1.69
N PRO D 18 23.32 2.28 0.43
CA PRO D 18 21.99 2.06 -0.12
C PRO D 18 21.75 0.58 -0.43
N SER D 19 20.55 0.11 -0.11
CA SER D 19 20.14 -1.26 -0.38
C SER D 19 19.27 -1.31 -1.62
N ASP D 20 19.42 -2.39 -2.39
CA ASP D 20 18.55 -2.59 -3.56
C ASP D 20 17.10 -2.76 -3.15
N ILE D 21 16.84 -3.19 -1.91
CA ILE D 21 15.47 -3.32 -1.43
C ILE D 21 14.77 -1.97 -1.43
N THR D 22 15.49 -0.91 -1.04
CA THR D 22 14.94 0.44 -0.96
C THR D 22 15.76 1.41 -1.81
N ILE D 23 16.17 0.98 -3.00
CA ILE D 23 17.05 1.79 -3.83
C ILE D 23 16.32 3.01 -4.39
N ASN D 24 15.01 2.90 -4.61
CA ASN D 24 14.27 4.01 -5.19
C ASN D 24 14.11 5.16 -4.19
N HIS D 25 13.97 4.84 -2.90
CA HIS D 25 13.87 5.89 -1.89
C HIS D 25 15.21 6.58 -1.69
N TYR D 26 16.32 5.85 -1.84
CA TYR D 26 17.63 6.49 -1.83
C TYR D 26 17.79 7.42 -3.02
N ILE D 27 17.30 7.02 -4.20
CA ILE D 27 17.37 7.87 -5.37
C ILE D 27 16.56 9.15 -5.16
N MET D 28 15.39 9.02 -4.52
CA MET D 28 14.56 10.20 -4.27
C MET D 28 15.27 11.18 -3.34
N GLU D 29 15.94 10.68 -2.30
CA GLU D 29 16.69 11.57 -1.42
C GLU D 29 17.85 12.24 -2.14
N LEU D 30 18.46 11.55 -3.11
CA LEU D 30 19.52 12.17 -3.89
C LEU D 30 18.96 13.25 -4.81
N LYS D 31 17.83 12.96 -5.47
CA LYS D 31 17.20 13.95 -6.33
C LYS D 31 16.76 15.18 -5.55
N LYS D 32 16.32 15.01 -4.31
CA LYS D 32 15.95 16.16 -3.50
C LYS D 32 17.14 17.03 -3.17
N ASN D 33 18.34 16.44 -3.06
CA ASN D 33 19.55 17.18 -2.73
C ASN D 33 20.40 17.48 -3.96
N ASN D 34 19.86 17.28 -5.17
CA ASN D 34 20.56 17.55 -6.42
C ASN D 34 21.89 16.81 -6.48
N VAL D 35 21.84 15.51 -6.24
CA VAL D 35 23.02 14.66 -6.24
C VAL D 35 23.07 13.88 -7.55
N ASN D 36 24.10 14.16 -8.37
CA ASN D 36 24.32 13.43 -9.60
C ASN D 36 25.49 12.45 -9.51
N THR D 37 26.25 12.48 -8.42
CA THR D 37 27.39 11.59 -8.26
C THR D 37 27.37 11.03 -6.84
N VAL D 38 27.52 9.71 -6.72
CA VAL D 38 27.62 9.03 -5.43
C VAL D 38 28.97 8.38 -5.34
N VAL D 39 29.75 8.75 -4.33
CA VAL D 39 31.09 8.23 -4.11
C VAL D 39 30.99 7.09 -3.09
N ARG D 40 31.23 5.86 -3.54
CA ARG D 40 31.22 4.70 -2.66
C ARG D 40 32.65 4.45 -2.16
N VAL D 41 32.81 4.42 -0.84
CA VAL D 41 34.11 4.19 -0.23
C VAL D 41 34.16 2.89 0.56
N CYS D 42 33.14 2.04 0.41
CA CYS D 42 33.11 0.72 1.05
C CYS D 42 33.06 -0.35 -0.04
N GLU D 43 33.08 -1.61 0.39
CA GLU D 43 32.99 -2.72 -0.55
C GLU D 43 31.60 -2.71 -1.21
N PRO D 44 31.52 -2.87 -2.52
CA PRO D 44 30.22 -2.77 -3.20
C PRO D 44 29.24 -3.83 -2.70
N SER D 45 27.97 -3.44 -2.58
CA SER D 45 26.94 -4.33 -2.09
C SER D 45 25.61 -4.14 -2.80
N TYR D 46 25.54 -3.29 -3.82
CA TYR D 46 24.29 -3.01 -4.52
C TYR D 46 24.57 -2.80 -6.00
N ASN D 47 23.53 -2.98 -6.80
CA ASN D 47 23.60 -2.78 -8.24
C ASN D 47 23.42 -1.29 -8.57
N THR D 48 24.29 -0.80 -9.45
CA THR D 48 24.30 0.61 -9.84
C THR D 48 23.57 0.87 -11.15
N ASP D 49 22.79 -0.10 -11.64
CA ASP D 49 22.12 0.05 -12.93
C ASP D 49 21.03 1.11 -12.87
N GLU D 50 20.08 0.95 -11.95
CA GLU D 50 18.97 1.89 -11.84
C GLU D 50 19.45 3.29 -11.51
N LEU D 51 20.49 3.40 -10.69
CA LEU D 51 21.03 4.71 -10.33
C LEU D 51 21.55 5.43 -11.57
N GLU D 52 22.22 4.70 -12.47
CA GLU D 52 22.75 5.33 -13.68
C GLU D 52 21.63 5.78 -14.60
N THR D 53 20.58 4.98 -14.75
CA THR D 53 19.46 5.38 -15.59
C THR D 53 18.76 6.62 -15.04
N GLN D 54 18.81 6.83 -13.73
CA GLN D 54 18.27 8.04 -13.13
C GLN D 54 19.24 9.21 -13.18
N GLY D 55 20.32 9.10 -13.95
CA GLY D 55 21.28 10.18 -14.08
C GLY D 55 22.25 10.32 -12.94
N ILE D 56 22.45 9.26 -12.15
CA ILE D 56 23.33 9.29 -10.99
C ILE D 56 24.42 8.25 -11.21
N THR D 57 25.66 8.70 -11.30
CA THR D 57 26.79 7.81 -11.46
C THR D 57 27.39 7.45 -10.10
N VAL D 58 28.12 6.34 -10.07
CA VAL D 58 28.74 5.83 -8.86
C VAL D 58 30.24 5.69 -9.10
N LYS D 59 31.05 6.29 -8.22
CA LYS D 59 32.50 6.21 -8.27
C LYS D 59 32.99 5.40 -7.08
N ASP D 60 33.83 4.40 -7.34
CA ASP D 60 34.32 3.49 -6.32
C ASP D 60 35.68 3.99 -5.83
N LEU D 61 35.68 4.73 -4.73
CA LEU D 61 36.92 5.20 -4.10
C LEU D 61 37.09 4.54 -2.74
N ALA D 62 37.07 3.21 -2.70
CA ALA D 62 37.06 2.49 -1.45
C ALA D 62 38.47 2.31 -0.88
N PHE D 63 38.54 2.25 0.45
CA PHE D 63 39.79 1.95 1.14
C PHE D 63 39.45 1.17 2.41
N GLU D 64 40.48 0.88 3.20
CA GLU D 64 40.31 0.00 4.36
C GLU D 64 39.37 0.62 5.38
N ASP D 65 38.71 -0.25 6.14
CA ASP D 65 37.73 0.19 7.13
C ASP D 65 38.40 0.66 8.40
N GLY D 66 37.95 1.80 8.91
CA GLY D 66 38.50 2.33 10.15
C GLY D 66 39.85 2.97 10.02
N THR D 67 40.29 3.31 8.80
CA THR D 67 41.59 3.90 8.57
C THR D 67 41.45 5.24 7.88
N PHE D 68 42.59 5.91 7.73
CA PHE D 68 42.66 7.15 6.96
C PHE D 68 42.83 6.81 5.48
N PRO D 69 42.19 7.55 4.58
CA PRO D 69 42.30 7.26 3.16
C PRO D 69 43.72 7.48 2.66
N PRO D 70 44.21 6.63 1.77
CA PRO D 70 45.51 6.88 1.16
C PRO D 70 45.44 8.11 0.25
N GLN D 71 46.61 8.73 0.05
CA GLN D 71 46.67 9.95 -0.74
C GLN D 71 46.14 9.74 -2.16
N GLN D 72 46.16 8.51 -2.68
CA GLN D 72 45.57 8.25 -3.99
C GLN D 72 44.07 8.47 -3.96
N VAL D 73 43.39 7.97 -2.92
CA VAL D 73 41.95 8.18 -2.80
C VAL D 73 41.66 9.66 -2.50
N VAL D 74 42.49 10.29 -1.68
CA VAL D 74 42.28 11.69 -1.33
C VAL D 74 42.34 12.57 -2.57
N ASP D 75 43.28 12.30 -3.47
CA ASP D 75 43.43 13.11 -4.66
C ASP D 75 42.27 12.89 -5.64
N GLU D 76 41.84 11.63 -5.80
CA GLU D 76 40.72 11.35 -6.69
C GLU D 76 39.42 11.93 -6.14
N TRP D 77 39.26 11.89 -4.81
CA TRP D 77 38.07 12.50 -4.20
C TRP D 77 38.05 14.01 -4.43
N PHE D 78 39.20 14.67 -4.33
CA PHE D 78 39.28 16.09 -4.67
C PHE D 78 39.03 16.30 -6.15
N GLU D 79 39.39 15.33 -6.98
CA GLU D 79 39.14 15.46 -8.42
C GLU D 79 37.64 15.38 -8.72
N VAL D 80 36.95 14.41 -8.13
CA VAL D 80 35.52 14.23 -8.38
C VAL D 80 34.75 15.48 -7.94
N LEU D 81 35.19 16.11 -6.84
CA LEU D 81 34.54 17.33 -6.40
C LEU D 81 34.74 18.45 -7.41
N LYS D 82 35.98 18.63 -7.89
CA LYS D 82 36.24 19.68 -8.87
C LYS D 82 35.56 19.38 -10.19
N ASP D 83 35.58 18.12 -10.63
CA ASP D 83 34.90 17.76 -11.87
C ASP D 83 33.40 17.98 -11.76
N LYS D 84 32.81 17.68 -10.60
CA LYS D 84 31.39 17.95 -10.41
C LYS D 84 31.12 19.45 -10.33
N TYR D 85 32.05 20.22 -9.76
CA TYR D 85 31.86 21.67 -9.70
C TYR D 85 32.07 22.33 -11.06
N GLN D 86 32.73 21.65 -11.99
CA GLN D 86 32.88 22.15 -13.35
C GLN D 86 31.73 21.67 -14.24
N GLN D 87 31.39 20.39 -14.16
CA GLN D 87 30.28 19.86 -14.95
C GLN D 87 28.96 20.49 -14.51
N ASN D 88 28.76 20.67 -13.20
CA ASN D 88 27.53 21.26 -12.69
C ASN D 88 27.73 21.79 -11.27
N PRO D 89 28.15 23.04 -11.12
CA PRO D 89 28.15 23.65 -9.79
C PRO D 89 26.72 23.79 -9.28
N GLU D 90 26.60 24.16 -7.99
CA GLU D 90 25.35 24.24 -7.25
C GLU D 90 24.76 22.87 -6.96
N ALA D 91 25.38 21.79 -7.44
CA ALA D 91 24.93 20.44 -7.15
C ALA D 91 25.70 19.87 -5.95
N ALA D 92 25.17 18.79 -5.40
CA ALA D 92 25.76 18.14 -4.25
C ALA D 92 26.33 16.77 -4.64
N VAL D 93 27.35 16.35 -3.92
CA VAL D 93 28.00 15.06 -4.12
C VAL D 93 27.74 14.20 -2.89
N ALA D 94 27.23 13.00 -3.10
CA ALA D 94 26.98 12.07 -2.00
C ALA D 94 28.16 11.13 -1.84
N VAL D 95 28.53 10.86 -0.60
CA VAL D 95 29.56 9.89 -0.26
C VAL D 95 29.01 9.00 0.85
N HIS D 96 29.33 7.70 0.78
CA HIS D 96 28.78 6.77 1.76
C HIS D 96 29.78 5.65 2.03
N CYS D 97 29.94 5.31 3.30
CA CYS D 97 30.56 4.05 3.67
C CYS D 97 29.42 3.15 4.15
N VAL D 98 29.74 2.11 4.92
CA VAL D 98 28.73 1.12 5.30
C VAL D 98 27.58 1.78 6.07
N ALA D 99 27.88 2.76 6.92
CA ALA D 99 26.82 3.41 7.68
C ALA D 99 26.87 4.93 7.65
N GLY D 100 27.63 5.52 6.73
CA GLY D 100 27.80 6.96 6.77
C GLY D 100 28.60 7.47 7.94
N LEU D 101 29.32 6.58 8.63
CA LEU D 101 30.14 6.93 9.79
C LEU D 101 31.56 6.43 9.55
N GLY D 102 32.52 7.34 9.52
CA GLY D 102 33.90 6.95 9.31
C GLY D 102 34.32 7.36 7.92
N ARG D 103 34.60 6.37 7.06
CA ARG D 103 35.33 6.56 5.81
C ARG D 103 34.74 7.69 4.97
N ALA D 104 33.42 7.87 5.00
CA ALA D 104 32.79 8.90 4.20
C ALA D 104 32.88 10.27 4.87
N PRO D 105 32.58 10.40 6.18
CA PRO D 105 32.75 11.71 6.82
C PRO D 105 34.19 12.23 6.81
N VAL D 106 35.19 11.36 6.91
CA VAL D 106 36.56 11.85 6.89
C VAL D 106 36.91 12.40 5.52
N LEU D 107 36.31 11.86 4.45
CA LEU D 107 36.52 12.43 3.12
C LEU D 107 35.89 13.81 3.02
N VAL D 108 34.67 13.97 3.54
CA VAL D 108 34.05 15.30 3.64
C VAL D 108 34.89 16.19 4.54
N ALA D 109 35.40 15.63 5.64
CA ALA D 109 36.25 16.40 6.54
C ALA D 109 37.48 16.92 5.82
N LEU D 110 38.15 16.06 5.05
CA LEU D 110 39.30 16.50 4.27
C LEU D 110 38.94 17.61 3.31
N ALA D 111 37.77 17.50 2.67
CA ALA D 111 37.33 18.57 1.78
C ALA D 111 37.07 19.87 2.54
N LEU D 112 36.45 19.77 3.72
CA LEU D 112 36.18 20.95 4.52
C LEU D 112 37.46 21.60 5.03
N ILE D 113 38.50 20.80 5.29
CA ILE D 113 39.76 21.37 5.75
C ILE D 113 40.42 22.19 4.65
N GLU D 114 40.39 21.68 3.41
CA GLU D 114 40.92 22.44 2.29
C GLU D 114 40.11 23.70 2.03
N LEU D 115 38.81 23.67 2.36
CA LEU D 115 37.96 24.83 2.16
C LEU D 115 38.28 25.96 3.13
N GLY D 116 39.01 25.68 4.22
CA GLY D 116 39.41 26.72 5.14
C GLY D 116 39.30 26.34 6.61
N LEU D 117 38.30 25.52 6.93
CA LEU D 117 38.05 25.16 8.32
C LEU D 117 39.21 24.33 8.89
N LYS D 118 39.46 24.51 10.18
CA LYS D 118 40.36 23.63 10.89
C LYS D 118 39.70 22.27 11.11
N TYR D 119 40.53 21.26 11.40
CA TYR D 119 39.99 19.91 11.49
C TYR D 119 39.03 19.76 12.68
N GLU D 120 39.20 20.59 13.72
CA GLU D 120 38.26 20.52 14.84
C GLU D 120 36.91 21.11 14.45
N ALA D 121 36.91 22.24 13.75
CA ALA D 121 35.65 22.86 13.34
C ALA D 121 34.95 22.02 12.28
N ALA D 122 35.71 21.35 11.40
CA ALA D 122 35.11 20.49 10.40
C ALA D 122 34.48 19.26 11.02
N VAL D 123 35.16 18.66 12.01
CA VAL D 123 34.60 17.50 12.69
C VAL D 123 33.35 17.89 13.47
N GLU D 124 33.39 19.05 14.15
CA GLU D 124 32.20 19.54 14.84
C GLU D 124 31.06 19.77 13.85
N MET D 125 31.37 20.35 12.69
CA MET D 125 30.34 20.59 11.69
C MET D 125 29.71 19.29 11.21
N ILE D 126 30.51 18.23 11.11
CA ILE D 126 29.99 16.94 10.65
C ILE D 126 29.22 16.24 11.75
N ARG D 127 29.73 16.28 12.98
CA ARG D 127 29.07 15.58 14.08
C ARG D 127 27.78 16.26 14.52
N ASP D 128 27.63 17.56 14.27
CA ASP D 128 26.35 18.21 14.50
C ASP D 128 25.26 17.67 13.58
N LYS D 129 25.65 17.13 12.41
CA LYS D 129 24.71 16.55 11.47
C LYS D 129 24.75 15.03 11.45
N ARG D 130 25.71 14.39 12.12
CA ARG D 130 25.84 12.94 12.07
C ARG D 130 26.57 12.50 13.33
N ARG D 131 25.81 11.98 14.29
CA ARG D 131 26.37 11.64 15.60
C ARG D 131 27.38 10.49 15.48
N GLY D 132 28.54 10.67 16.11
CA GLY D 132 29.55 9.63 16.12
C GLY D 132 30.14 9.34 14.76
N ALA D 133 30.46 10.39 14.00
CA ALA D 133 30.85 10.22 12.61
C ALA D 133 32.23 9.57 12.48
N ILE D 134 33.24 10.18 13.10
CA ILE D 134 34.63 9.82 12.87
C ILE D 134 35.19 9.16 14.12
N ASN D 135 35.95 8.09 13.94
CA ASN D 135 36.53 7.40 15.08
C ASN D 135 37.85 8.06 15.50
N ALA D 136 38.46 7.52 16.55
CA ALA D 136 39.65 8.15 17.12
C ALA D 136 40.84 8.05 16.18
N LYS D 137 41.05 6.88 15.58
CA LYS D 137 42.21 6.70 14.69
C LYS D 137 42.11 7.60 13.47
N GLN D 138 40.93 7.69 12.87
CA GLN D 138 40.73 8.59 11.74
C GLN D 138 40.91 10.05 12.14
N LEU D 139 40.55 10.39 13.37
CA LEU D 139 40.70 11.77 13.83
C LEU D 139 42.17 12.12 14.04
N SER D 140 42.99 11.15 14.46
CA SER D 140 44.40 11.41 14.68
C SER D 140 45.11 11.74 13.38
N PHE D 141 44.71 11.08 12.28
CA PHE D 141 45.28 11.40 10.98
C PHE D 141 44.64 12.64 10.37
N LEU D 142 43.39 12.93 10.71
CA LEU D 142 42.82 14.23 10.37
C LEU D 142 43.53 15.35 11.10
N GLU D 143 44.00 15.09 12.32
CA GLU D 143 44.77 16.08 13.07
C GLU D 143 46.07 16.42 12.35
N LYS D 144 46.73 15.42 11.78
CA LYS D 144 48.01 15.60 11.11
C LYS D 144 47.88 15.98 9.64
N TYR D 145 46.67 15.95 9.08
CA TYR D 145 46.47 16.42 7.72
C TYR D 145 46.51 17.95 7.66
N LYS D 146 47.44 18.48 6.88
CA LYS D 146 47.80 19.89 6.90
C LYS D 146 47.15 20.73 5.81
N PRO D 147 47.17 20.31 4.53
CA PRO D 147 46.85 21.24 3.43
C PRO D 147 45.57 22.03 3.64
N LYS D 148 45.59 23.28 3.19
CA LYS D 148 44.46 24.21 3.36
C LYS D 148 44.09 24.90 2.05
N ALA D 149 44.61 24.45 0.91
CA ALA D 149 44.29 25.09 -0.37
C ALA D 149 44.43 24.05 -1.48
N ARG D 150 43.36 23.31 -1.72
CA ARG D 150 43.27 22.37 -2.84
C ARG D 150 41.93 22.39 -3.54
N LEU D 151 40.93 23.12 -3.02
CA LEU D 151 39.60 23.14 -3.61
C LEU D 151 39.00 24.54 -3.72
N LYS D 152 39.52 25.53 -2.99
CA LYS D 152 38.94 26.87 -2.97
C LYS D 152 39.43 27.65 -4.19
N HIS D 153 38.95 27.22 -5.36
CA HIS D 153 39.31 27.87 -6.62
C HIS D 153 38.28 27.55 -7.71
I IOD E . -1.68 -2.70 6.70
I IOD F . -31.86 -16.14 -8.14
I IOD G . 29.28 12.98 18.64
#